data_3UM9
#
_entry.id   3UM9
#
_cell.length_a   96.640
_cell.length_b   96.640
_cell.length_c   92.030
_cell.angle_alpha   90.000
_cell.angle_beta   90.000
_cell.angle_gamma   120.000
#
_symmetry.space_group_name_H-M   'P 65'
#
loop_
_entity.id
_entity.type
_entity.pdbx_description
1 polymer 'Haloacid dehalogenase, type II'
2 non-polymer 'NICKEL (II) ION'
3 non-polymer 'SULFATE ION'
4 water water
#
_entity_poly.entity_id   1
_entity_poly.type   'polypeptide(L)'
_entity_poly.pdbx_seq_one_letter_code
;GMHAIKAVVFDLYGTLYDVYSVRTSCERIFPGQGEMVSKMWRQKQLEYTWMRTLMGQYQDFESATLDALRYTCGSLGLAL
DADGEAHLCSEYLSLTPFADVPQALQQLRAAGLKTAILSNGSRHSIRQVVGNSGLTNSFDHLISVDEVRLFKPHQKVYEL
AMDTLHLGESEILFVSCNSWDATGAKYFGYPVCWINRSNGVFDQLGVVPDIVVSDVGVLASRFSPVDEAA
;
_entity_poly.pdbx_strand_id   A,B
#
loop_
_chem_comp.id
_chem_comp.type
_chem_comp.name
_chem_comp.formula
NI non-polymer 'NICKEL (II) ION' 'Ni 2'
SO4 non-polymer 'SULFATE ION' 'O4 S -2'
#
# COMPACT_ATOMS: atom_id res chain seq x y z
N GLY A 1 11.76 28.80 21.41
CA GLY A 1 10.87 28.46 22.56
C GLY A 1 9.78 27.43 22.30
N MET A 2 9.74 26.82 21.13
CA MET A 2 8.57 26.06 20.67
C MET A 2 8.82 25.74 19.17
N HIS A 3 9.67 26.57 18.56
CA HIS A 3 9.92 26.57 17.14
C HIS A 3 11.12 25.74 16.67
N ALA A 4 12.06 25.42 17.57
CA ALA A 4 13.36 24.85 17.24
C ALA A 4 13.37 23.36 17.58
N ILE A 5 13.98 22.57 16.71
CA ILE A 5 14.23 21.12 16.86
C ILE A 5 15.07 20.78 18.10
N LYS A 6 14.50 19.87 18.88
CA LYS A 6 15.03 19.37 20.14
C LYS A 6 15.27 17.86 20.08
N ALA A 7 14.49 17.18 19.24
CA ALA A 7 14.59 15.75 19.06
C ALA A 7 14.62 15.40 17.56
N VAL A 8 15.46 14.41 17.24
CA VAL A 8 15.41 13.73 15.97
C VAL A 8 14.77 12.31 16.15
N VAL A 9 13.66 12.08 15.46
CA VAL A 9 12.93 10.84 15.44
C VAL A 9 13.07 10.11 14.09
N PHE A 10 13.56 8.87 14.15
CA PHE A 10 13.89 8.07 12.96
C PHE A 10 12.94 6.93 12.82
N ASP A 11 12.58 6.60 11.58
CA ASP A 11 12.07 5.27 11.32
C ASP A 11 13.26 4.28 11.31
N LEU A 12 12.94 3.03 11.50
CA LEU A 12 13.94 2.01 11.71
C LEU A 12 14.24 1.32 10.38
N TYR A 13 13.24 0.67 9.80
CA TYR A 13 13.47 -0.19 8.63
C TYR A 13 13.61 0.65 7.37
N GLY A 14 14.76 0.55 6.76
CA GLY A 14 15.02 1.29 5.55
C GLY A 14 15.65 2.66 5.70
N THR A 15 15.73 3.23 6.90
CA THR A 15 16.43 4.51 7.12
C THR A 15 17.72 4.31 7.96
N LEU A 16 17.55 3.67 9.13
CA LEU A 16 18.67 3.30 10.01
C LEU A 16 19.33 1.94 9.65
N TYR A 17 18.51 1.00 9.14
CA TYR A 17 18.91 -0.37 8.84
C TYR A 17 18.37 -0.84 7.49
N ASP A 18 19.21 -1.59 6.78
CA ASP A 18 19.00 -2.05 5.45
C ASP A 18 18.21 -3.34 5.37
N VAL A 19 16.94 -3.22 4.99
CA VAL A 19 16.00 -4.38 4.88
C VAL A 19 16.37 -5.38 3.82
N TYR A 20 17.30 -5.06 2.94
CA TYR A 20 17.80 -6.01 1.95
C TYR A 20 19.09 -6.69 2.43
N SER A 21 19.48 -6.49 3.70
CA SER A 21 20.42 -7.41 4.33
C SER A 21 19.94 -8.84 4.14
N VAL A 22 18.60 -9.05 4.20
CA VAL A 22 18.07 -10.39 4.15
C VAL A 22 18.25 -11.08 2.80
N ARG A 23 18.58 -10.33 1.73
CA ARG A 23 18.84 -10.96 0.40
C ARG A 23 19.95 -12.03 0.42
N THR A 24 20.90 -11.86 1.33
CA THR A 24 22.06 -12.74 1.34
C THR A 24 21.54 -14.15 1.65
N SER A 25 20.70 -14.22 2.68
CA SER A 25 20.09 -15.47 3.11
C SER A 25 18.96 -16.01 2.19
N CYS A 26 18.21 -15.12 1.51
CA CYS A 26 17.22 -15.55 0.49
C CYS A 26 18.02 -16.19 -0.65
N GLU A 27 19.14 -15.57 -0.99
CA GLU A 27 20.02 -16.07 -2.03
C GLU A 27 20.48 -17.52 -1.75
N ARG A 28 20.86 -17.81 -0.52
CA ARG A 28 21.34 -19.12 -0.18
C ARG A 28 20.34 -20.18 -0.50
N ILE A 29 19.05 -19.87 -0.29
CA ILE A 29 17.98 -20.86 -0.40
C ILE A 29 17.44 -20.90 -1.81
N PHE A 30 17.37 -19.73 -2.44
CA PHE A 30 16.88 -19.52 -3.79
C PHE A 30 18.02 -18.92 -4.58
N PRO A 31 18.91 -19.78 -5.11
CA PRO A 31 20.08 -19.20 -5.74
C PRO A 31 19.70 -18.38 -6.92
N GLY A 32 20.42 -17.28 -7.12
CA GLY A 32 20.15 -16.37 -8.22
C GLY A 32 19.05 -15.33 -8.03
N GLN A 33 18.27 -15.45 -6.94
CA GLN A 33 16.96 -14.77 -6.77
C GLN A 33 16.82 -14.04 -5.41
N GLY A 34 17.93 -13.59 -4.86
CA GLY A 34 17.94 -12.99 -3.53
C GLY A 34 17.36 -11.60 -3.55
N GLU A 35 17.72 -10.83 -4.59
CA GLU A 35 17.27 -9.45 -4.73
C GLU A 35 15.79 -9.41 -4.86
N MET A 36 15.29 -10.20 -5.77
CA MET A 36 13.91 -10.17 -6.17
C MET A 36 12.91 -10.73 -5.10
N VAL A 37 13.29 -11.82 -4.42
CA VAL A 37 12.51 -12.39 -3.29
C VAL A 37 12.48 -11.35 -2.17
N SER A 38 13.62 -10.75 -1.89
CA SER A 38 13.71 -9.80 -0.79
C SER A 38 13.06 -8.48 -1.18
N LYS A 39 13.12 -8.07 -2.46
CA LYS A 39 12.37 -6.84 -2.90
C LYS A 39 10.86 -7.03 -2.77
N MET A 40 10.37 -8.20 -3.18
CA MET A 40 8.93 -8.49 -3.08
C MET A 40 8.52 -8.59 -1.60
N TRP A 41 9.37 -9.19 -0.78
CA TRP A 41 9.00 -9.55 0.58
C TRP A 41 8.76 -8.29 1.34
N ARG A 42 9.72 -7.39 1.22
CA ARG A 42 9.57 -6.08 1.84
C ARG A 42 8.33 -5.33 1.33
N GLN A 43 8.08 -5.40 0.03
CA GLN A 43 6.97 -4.64 -0.54
C GLN A 43 5.66 -5.12 0.06
N LYS A 44 5.50 -6.43 0.15
CA LYS A 44 4.26 -7.02 0.58
C LYS A 44 4.17 -6.95 2.09
N GLN A 45 5.31 -6.88 2.74
CA GLN A 45 5.35 -6.63 4.16
C GLN A 45 4.69 -5.24 4.45
N LEU A 46 5.15 -4.21 3.74
CA LEU A 46 4.61 -2.85 3.82
C LEU A 46 3.16 -2.87 3.43
N GLU A 47 2.80 -3.50 2.29
CA GLU A 47 1.41 -3.59 1.93
C GLU A 47 0.49 -4.19 3.02
N TYR A 48 0.96 -5.20 3.72
CA TYR A 48 0.16 -5.87 4.72
C TYR A 48 0.00 -5.01 5.93
N THR A 49 1.01 -4.25 6.26
CA THR A 49 0.80 -3.25 7.32
C THR A 49 -0.33 -2.30 6.92
N TRP A 50 -0.32 -1.83 5.68
CA TRP A 50 -1.34 -0.87 5.20
C TRP A 50 -2.72 -1.47 5.18
N MET A 51 -2.83 -2.70 4.66
CA MET A 51 -4.11 -3.37 4.53
C MET A 51 -4.74 -3.72 5.86
N ARG A 52 -3.96 -4.22 6.80
CA ARG A 52 -4.50 -4.58 8.11
C ARG A 52 -4.97 -3.36 8.86
N THR A 53 -4.25 -2.23 8.75
CA THR A 53 -4.66 -0.98 9.43
C THR A 53 -5.93 -0.50 8.77
N LEU A 54 -6.01 -0.58 7.44
CA LEU A 54 -7.23 -0.12 6.80
C LEU A 54 -8.43 -1.03 7.12
N MET A 55 -8.17 -2.31 7.47
CA MET A 55 -9.24 -3.33 7.66
C MET A 55 -9.64 -3.47 9.13
N GLY A 56 -8.88 -2.88 10.02
CA GLY A 56 -9.09 -3.05 11.43
C GLY A 56 -8.61 -4.41 11.92
N GLN A 57 -7.51 -4.93 11.32
CA GLN A 57 -7.03 -6.28 11.64
C GLN A 57 -5.58 -6.31 12.07
N TYR A 58 -5.24 -5.53 13.09
CA TYR A 58 -3.82 -5.35 13.41
C TYR A 58 -3.19 -6.65 13.82
N GLN A 59 -1.96 -6.92 13.35
CA GLN A 59 -1.22 -8.07 13.85
C GLN A 59 0.18 -7.47 13.85
N ASP A 60 1.04 -7.86 14.78
CA ASP A 60 2.30 -7.17 14.88
C ASP A 60 3.13 -7.47 13.64
N PHE A 61 4.28 -6.80 13.60
CA PHE A 61 5.21 -6.74 12.45
C PHE A 61 5.93 -8.05 12.13
N GLU A 62 6.31 -8.80 13.17
CA GLU A 62 6.88 -10.13 13.00
C GLU A 62 5.87 -11.03 12.30
N SER A 63 4.63 -10.94 12.71
CA SER A 63 3.61 -11.74 12.08
C SER A 63 3.41 -11.32 10.66
N ALA A 64 3.53 -10.03 10.38
CA ALA A 64 3.17 -9.58 9.06
C ALA A 64 4.29 -10.00 8.11
N THR A 65 5.50 -10.04 8.67
CA THR A 65 6.74 -10.44 8.02
C THR A 65 6.62 -11.87 7.46
N LEU A 66 6.17 -12.81 8.34
CA LEU A 66 5.93 -14.23 8.01
C LEU A 66 4.88 -14.29 6.93
N ASP A 67 3.75 -13.62 7.16
CA ASP A 67 2.66 -13.66 6.17
C ASP A 67 3.17 -13.21 4.81
N ALA A 68 3.98 -12.15 4.81
CA ALA A 68 4.56 -11.63 3.57
C ALA A 68 5.61 -12.56 2.98
N LEU A 69 6.43 -13.18 3.82
CA LEU A 69 7.35 -14.22 3.32
C LEU A 69 6.56 -15.29 2.57
N ARG A 70 5.52 -15.78 3.23
CA ARG A 70 4.71 -16.87 2.69
C ARG A 70 4.04 -16.52 1.38
N TYR A 71 3.48 -15.30 1.30
CA TYR A 71 2.84 -14.84 0.03
C TYR A 71 3.90 -14.81 -1.05
N THR A 72 5.05 -14.24 -0.71
CA THR A 72 6.03 -13.91 -1.70
C THR A 72 6.47 -15.17 -2.43
N CYS A 73 6.72 -16.25 -1.68
CA CYS A 73 7.24 -17.52 -2.23
C CYS A 73 6.17 -18.25 -3.00
N GLY A 74 4.98 -18.34 -2.44
CA GLY A 74 3.79 -18.90 -3.15
C GLY A 74 3.59 -18.11 -4.43
N SER A 75 3.58 -16.78 -4.32
CA SER A 75 3.42 -15.95 -5.50
C SER A 75 4.48 -16.19 -6.61
N LEU A 76 5.73 -16.34 -6.19
CA LEU A 76 6.87 -16.55 -7.12
C LEU A 76 7.02 -18.02 -7.50
N GLY A 77 6.32 -18.94 -6.84
CA GLY A 77 6.31 -20.36 -7.20
C GLY A 77 7.40 -21.16 -6.50
N LEU A 78 7.81 -20.72 -5.32
CA LEU A 78 9.03 -21.21 -4.70
C LEU A 78 8.68 -21.99 -3.43
N ALA A 79 9.28 -23.16 -3.23
CA ALA A 79 9.02 -23.93 -2.02
C ALA A 79 9.88 -23.37 -0.89
N LEU A 80 9.29 -23.28 0.32
CA LEU A 80 9.98 -22.84 1.56
C LEU A 80 9.44 -23.68 2.67
N ASP A 81 10.32 -24.40 3.37
CA ASP A 81 9.91 -25.34 4.39
C ASP A 81 9.90 -24.59 5.72
N ALA A 82 9.58 -25.25 6.82
CA ALA A 82 9.33 -24.52 8.11
C ALA A 82 10.64 -23.94 8.58
N ASP A 83 11.72 -24.67 8.31
CA ASP A 83 13.03 -24.31 8.79
C ASP A 83 13.56 -23.11 8.02
N GLY A 84 13.34 -23.10 6.69
CA GLY A 84 13.53 -21.89 5.85
C GLY A 84 12.74 -20.68 6.38
N GLU A 85 11.45 -20.87 6.64
CA GLU A 85 10.62 -19.74 7.10
C GLU A 85 11.23 -19.08 8.37
N ALA A 86 11.59 -19.97 9.29
CA ALA A 86 12.04 -19.64 10.61
C ALA A 86 13.33 -18.90 10.53
N HIS A 87 14.23 -19.37 9.66
CA HIS A 87 15.53 -18.77 9.56
C HIS A 87 15.46 -17.41 8.83
N LEU A 88 14.73 -17.30 7.73
CA LEU A 88 14.62 -16.03 6.98
C LEU A 88 13.95 -14.96 7.86
N CYS A 89 12.94 -15.35 8.63
CA CYS A 89 12.34 -14.44 9.61
C CYS A 89 13.30 -13.99 10.71
N SER A 90 14.02 -14.94 11.29
CA SER A 90 14.97 -14.55 12.33
C SER A 90 15.94 -13.55 11.79
N GLU A 91 16.23 -13.64 10.46
CA GLU A 91 17.11 -12.68 9.80
C GLU A 91 16.67 -11.19 9.73
N TYR A 92 15.36 -10.93 9.72
CA TYR A 92 14.85 -9.57 9.88
C TYR A 92 15.15 -8.93 11.20
N LEU A 93 15.62 -9.72 12.19
CA LEU A 93 15.92 -9.23 13.51
C LEU A 93 17.36 -8.78 13.63
N SER A 94 18.20 -9.11 12.64
CA SER A 94 19.59 -8.70 12.59
C SER A 94 19.89 -8.06 11.21
N LEU A 95 19.17 -7.02 10.82
CA LEU A 95 19.57 -6.20 9.68
C LEU A 95 20.83 -5.40 10.03
N THR A 96 21.69 -5.22 9.04
CA THR A 96 22.85 -4.33 9.16
C THR A 96 22.45 -2.84 9.17
N PRO A 97 23.09 -2.04 10.04
CA PRO A 97 22.98 -0.60 9.97
C PRO A 97 23.65 0.02 8.73
N PHE A 98 23.08 1.09 8.20
CA PHE A 98 23.75 1.78 7.12
C PHE A 98 25.08 2.33 7.71
N ALA A 99 26.10 2.49 6.88
CA ALA A 99 27.46 2.71 7.43
C ALA A 99 27.65 4.11 8.07
N ASP A 100 26.93 5.11 7.56
CA ASP A 100 26.93 6.50 8.17
C ASP A 100 26.22 6.61 9.55
N VAL A 101 25.38 5.61 9.89
CA VAL A 101 24.42 5.77 11.02
C VAL A 101 25.04 5.88 12.41
N PRO A 102 25.96 4.98 12.78
CA PRO A 102 26.55 5.16 14.14
C PRO A 102 27.18 6.54 14.39
N GLN A 103 28.05 7.00 13.52
CA GLN A 103 28.74 8.26 13.77
C GLN A 103 27.72 9.41 13.69
N ALA A 104 26.76 9.29 12.78
CA ALA A 104 25.71 10.33 12.61
C ALA A 104 25.00 10.51 13.89
N LEU A 105 24.71 9.40 14.55
CA LEU A 105 23.91 9.40 15.77
C LEU A 105 24.65 9.99 16.97
N GLN A 106 25.95 9.67 17.09
CA GLN A 106 26.80 10.28 18.14
C GLN A 106 26.79 11.82 17.97
N GLN A 107 26.96 12.28 16.74
CA GLN A 107 27.00 13.74 16.50
C GLN A 107 25.65 14.41 16.77
N LEU A 108 24.55 13.73 16.47
CA LEU A 108 23.23 14.29 16.80
C LEU A 108 23.14 14.46 18.30
N ARG A 109 23.57 13.44 19.07
CA ARG A 109 23.51 13.53 20.54
C ARG A 109 24.48 14.59 21.07
N ALA A 110 25.65 14.66 20.45
CA ALA A 110 26.70 15.64 20.79
C ALA A 110 26.22 17.09 20.54
N ALA A 111 25.34 17.26 19.56
CA ALA A 111 24.74 18.55 19.29
C ALA A 111 23.57 18.83 20.25
N GLY A 112 23.43 18.01 21.30
CA GLY A 112 22.43 18.21 22.37
C GLY A 112 21.00 17.74 22.10
N LEU A 113 20.82 16.91 21.06
CA LEU A 113 19.47 16.46 20.61
C LEU A 113 19.05 15.07 21.15
N LYS A 114 17.82 14.94 21.61
CA LYS A 114 17.26 13.65 21.96
C LYS A 114 17.14 12.85 20.65
N THR A 115 17.15 11.51 20.73
CA THR A 115 17.06 10.64 19.54
C THR A 115 16.05 9.53 19.81
N ALA A 116 15.22 9.19 18.85
CA ALA A 116 14.22 8.18 19.07
C ALA A 116 13.98 7.46 17.76
N ILE A 117 13.40 6.28 17.89
CA ILE A 117 13.00 5.45 16.76
C ILE A 117 11.48 5.48 16.90
N LEU A 118 10.77 5.70 15.79
CA LEU A 118 9.34 5.41 15.73
C LEU A 118 9.12 4.44 14.66
N SER A 119 8.59 3.25 15.01
CA SER A 119 8.59 2.19 14.02
C SER A 119 7.41 1.21 14.08
N ASN A 120 7.13 0.61 12.91
CA ASN A 120 6.15 -0.45 12.68
C ASN A 120 6.54 -1.76 13.36
N GLY A 121 7.81 -1.93 13.68
CA GLY A 121 8.23 -3.09 14.43
C GLY A 121 7.58 -3.24 15.79
N SER A 122 7.53 -4.47 16.27
CA SER A 122 7.15 -4.76 17.59
C SER A 122 8.22 -4.25 18.52
N ARG A 123 7.86 -4.15 19.80
CA ARG A 123 8.90 -3.79 20.82
C ARG A 123 10.09 -4.71 20.69
N HIS A 124 9.83 -5.99 20.53
CA HIS A 124 10.92 -6.97 20.45
C HIS A 124 11.77 -6.78 19.23
N SER A 125 11.08 -6.69 18.09
CA SER A 125 11.76 -6.59 16.80
C SER A 125 12.71 -5.40 16.80
N ILE A 126 12.26 -4.27 17.32
CA ILE A 126 13.11 -3.07 17.41
C ILE A 126 14.33 -3.27 18.33
N ARG A 127 14.06 -3.95 19.46
CA ARG A 127 15.15 -4.14 20.43
C ARG A 127 16.10 -5.11 19.84
N GLN A 128 15.63 -6.06 19.05
CA GLN A 128 16.62 -6.98 18.44
C GLN A 128 17.44 -6.28 17.42
N VAL A 129 16.86 -5.47 16.59
CA VAL A 129 17.67 -4.95 15.52
C VAL A 129 18.68 -3.94 16.07
N VAL A 130 18.22 -3.07 16.96
CA VAL A 130 19.08 -2.09 17.57
C VAL A 130 20.03 -2.83 18.47
N GLY A 131 19.51 -3.65 19.36
CA GLY A 131 20.41 -4.41 20.27
C GLY A 131 21.45 -5.18 19.51
N ASN A 132 21.09 -5.86 18.41
CA ASN A 132 22.04 -6.73 17.75
C ASN A 132 23.13 -5.93 17.07
N SER A 133 22.83 -4.67 16.74
CA SER A 133 23.79 -3.78 16.14
C SER A 133 24.65 -3.09 17.18
N GLY A 134 24.32 -3.21 18.46
CA GLY A 134 25.14 -2.58 19.51
C GLY A 134 24.87 -1.07 19.64
N LEU A 135 23.76 -0.57 19.06
CA LEU A 135 23.45 0.89 19.10
C LEU A 135 22.35 1.21 20.10
N THR A 136 22.17 0.31 21.05
CA THR A 136 21.21 0.48 22.13
C THR A 136 21.34 1.84 22.87
N ASN A 137 22.58 2.29 23.11
CA ASN A 137 22.82 3.50 23.89
C ASN A 137 22.64 4.74 23.03
N SER A 138 22.38 4.56 21.74
CA SER A 138 22.35 5.69 20.85
C SER A 138 20.98 6.31 20.77
N PHE A 139 19.99 5.70 21.39
CA PHE A 139 18.63 6.17 21.23
C PHE A 139 18.09 6.40 22.56
N ASP A 140 17.37 7.51 22.72
CA ASP A 140 16.70 7.84 23.98
C ASP A 140 15.38 7.12 24.24
N HIS A 141 14.69 6.75 23.18
CA HIS A 141 13.38 6.11 23.26
C HIS A 141 13.28 5.28 22.03
N LEU A 142 12.55 4.19 22.14
CA LEU A 142 12.37 3.28 21.02
C LEU A 142 10.90 3.13 21.05
N ILE A 143 10.22 3.59 19.99
CA ILE A 143 8.77 3.61 20.00
C ILE A 143 8.19 2.67 18.94
N SER A 144 7.27 1.82 19.38
CA SER A 144 6.62 0.78 18.58
C SER A 144 5.17 1.07 18.41
N VAL A 145 4.70 0.86 17.20
CA VAL A 145 3.31 0.96 16.87
C VAL A 145 2.45 -0.03 17.64
N ASP A 146 3.09 -0.92 18.40
CA ASP A 146 2.40 -1.80 19.35
C ASP A 146 1.51 -1.03 20.33
N GLU A 147 2.01 0.11 20.74
CA GLU A 147 1.39 1.00 21.66
C GLU A 147 0.03 1.42 21.18
N VAL A 148 -0.18 1.55 19.86
CA VAL A 148 -1.49 1.87 19.42
C VAL A 148 -2.22 0.89 18.52
N ARG A 149 -1.57 -0.21 18.09
CA ARG A 149 -2.19 -1.28 17.29
C ARG A 149 -2.71 -0.81 15.95
N LEU A 150 -1.92 0.10 15.35
CA LEU A 150 -2.18 0.69 14.02
C LEU A 150 -0.81 0.93 13.39
N PHE A 151 -0.69 0.75 12.11
CA PHE A 151 0.55 1.02 11.41
C PHE A 151 0.64 2.42 10.80
N LYS A 152 1.83 2.75 10.36
CA LYS A 152 2.12 3.89 9.54
C LYS A 152 1.41 3.78 8.21
N PRO A 153 0.91 4.87 7.67
CA PRO A 153 1.08 6.17 8.25
C PRO A 153 -0.15 6.72 9.05
N HIS A 154 -0.84 5.90 9.81
CA HIS A 154 -1.90 6.38 10.67
C HIS A 154 -1.45 7.47 11.62
N GLN A 155 -2.30 8.43 11.81
CA GLN A 155 -1.90 9.69 12.47
C GLN A 155 -1.70 9.47 13.92
N LYS A 156 -2.40 8.49 14.47
CA LYS A 156 -2.13 8.12 15.86
C LYS A 156 -0.76 7.51 16.10
N VAL A 157 -0.08 6.99 15.07
N VAL A 157 -0.09 7.02 15.05
CA VAL A 157 1.28 6.49 15.32
CA VAL A 157 1.26 6.51 15.21
C VAL A 157 2.24 7.68 15.46
C VAL A 157 2.20 7.68 15.45
N TYR A 158 2.14 8.68 14.57
CA TYR A 158 3.05 9.87 14.67
C TYR A 158 2.89 10.61 15.97
N GLU A 159 1.68 10.56 16.49
CA GLU A 159 1.34 11.19 17.79
C GLU A 159 2.17 10.65 19.01
N LEU A 160 2.63 9.41 18.89
CA LEU A 160 3.40 8.77 19.92
C LEU A 160 4.78 9.43 20.14
N ALA A 161 5.37 10.00 19.09
CA ALA A 161 6.65 10.67 19.27
C ALA A 161 6.51 11.84 20.21
N MET A 162 5.57 12.75 19.95
CA MET A 162 5.49 13.94 20.82
C MET A 162 5.08 13.58 22.26
N ASP A 163 4.19 12.60 22.42
CA ASP A 163 3.73 12.11 23.74
C ASP A 163 4.80 11.35 24.53
N THR A 164 5.75 10.76 23.84
CA THR A 164 6.82 10.04 24.49
C THR A 164 7.91 11.01 24.86
N LEU A 165 8.16 12.01 24.02
CA LEU A 165 9.24 12.96 24.20
C LEU A 165 8.88 14.23 25.06
N HIS A 166 7.58 14.43 25.27
CA HIS A 166 6.98 15.64 25.88
C HIS A 166 7.47 16.95 25.23
N LEU A 167 7.29 16.99 23.91
CA LEU A 167 7.74 18.08 23.07
C LEU A 167 6.62 18.48 22.13
N GLY A 168 6.70 19.73 21.67
CA GLY A 168 5.77 20.26 20.64
C GLY A 168 6.10 19.68 19.29
N GLU A 169 5.15 19.74 18.37
CA GLU A 169 5.34 19.29 16.99
C GLU A 169 6.52 19.89 16.27
N SER A 170 6.76 21.19 16.46
CA SER A 170 7.84 21.89 15.77
C SER A 170 9.22 21.54 16.37
N GLU A 171 9.19 20.83 17.48
CA GLU A 171 10.40 20.54 18.16
C GLU A 171 10.92 19.19 17.71
N ILE A 172 10.17 18.48 16.88
CA ILE A 172 10.56 17.14 16.48
C ILE A 172 10.81 17.05 14.96
N LEU A 173 12.06 16.75 14.59
CA LEU A 173 12.39 16.40 13.24
C LEU A 173 12.22 14.94 13.00
N PHE A 174 11.25 14.60 12.13
CA PHE A 174 11.01 13.23 11.76
C PHE A 174 11.86 12.93 10.51
N VAL A 175 12.64 11.84 10.56
CA VAL A 175 13.62 11.53 9.53
C VAL A 175 13.29 10.18 8.90
N SER A 176 13.21 10.12 7.56
CA SER A 176 12.99 8.87 6.87
C SER A 176 13.50 8.86 5.40
N CYS A 177 13.93 7.66 4.96
CA CYS A 177 14.30 7.40 3.58
C CYS A 177 13.03 7.20 2.74
N ASN A 178 11.92 6.78 3.36
CA ASN A 178 10.69 6.54 2.60
C ASN A 178 9.76 7.73 2.55
N SER A 179 9.44 8.16 1.33
CA SER A 179 8.70 9.37 1.11
C SER A 179 7.39 9.36 1.81
N TRP A 180 6.72 8.22 1.69
CA TRP A 180 5.36 8.04 2.15
C TRP A 180 5.28 8.18 3.66
N ASP A 181 6.41 7.91 4.35
CA ASP A 181 6.50 7.96 5.82
C ASP A 181 6.78 9.43 6.25
N ALA A 182 7.76 10.04 5.61
CA ALA A 182 7.97 11.45 5.85
C ALA A 182 6.63 12.15 5.64
N THR A 183 5.89 11.76 4.60
CA THR A 183 4.65 12.45 4.22
C THR A 183 3.61 12.30 5.27
N GLY A 184 3.47 11.09 5.83
CA GLY A 184 2.59 10.86 7.03
C GLY A 184 2.86 11.74 8.25
N ALA A 185 4.10 11.91 8.53
CA ALA A 185 4.54 12.62 9.71
C ALA A 185 4.40 14.11 9.48
N LYS A 186 4.60 14.53 8.22
CA LYS A 186 4.42 15.93 7.89
C LYS A 186 2.91 16.26 8.01
N TYR A 187 2.04 15.43 7.46
CA TYR A 187 0.64 15.66 7.71
C TYR A 187 0.30 15.63 9.17
N PHE A 188 0.89 14.73 9.97
CA PHE A 188 0.67 14.86 11.42
C PHE A 188 1.14 16.27 11.95
N GLY A 189 2.19 16.82 11.38
CA GLY A 189 2.63 18.11 11.86
C GLY A 189 4.12 18.28 12.12
N TYR A 190 4.92 17.21 12.05
CA TYR A 190 6.34 17.41 12.37
C TYR A 190 7.07 17.92 11.17
N PRO A 191 8.06 18.77 11.35
CA PRO A 191 8.96 18.94 10.25
C PRO A 191 9.64 17.61 9.93
N VAL A 192 10.03 17.47 8.69
CA VAL A 192 10.47 16.23 8.13
C VAL A 192 11.75 16.40 7.31
N CYS A 193 12.61 15.39 7.42
CA CYS A 193 13.84 15.34 6.65
C CYS A 193 13.74 14.09 5.83
N TRP A 194 13.85 14.19 4.51
CA TRP A 194 13.79 13.01 3.66
C TRP A 194 15.23 12.62 3.32
N ILE A 195 15.57 11.39 3.54
CA ILE A 195 16.83 10.88 3.05
C ILE A 195 16.66 10.34 1.66
N ASN A 196 17.20 11.00 0.65
CA ASN A 196 17.15 10.50 -0.69
C ASN A 196 18.42 9.78 -1.08
N ARG A 197 18.55 8.58 -0.53
CA ARG A 197 19.69 7.73 -0.72
C ARG A 197 19.89 7.41 -2.19
N SER A 198 18.79 7.09 -2.84
CA SER A 198 18.78 6.51 -4.16
C SER A 198 18.77 7.46 -5.33
N ASN A 199 18.82 8.76 -5.10
CA ASN A 199 18.63 9.68 -6.19
C ASN A 199 17.25 9.60 -6.84
N GLY A 200 16.21 9.34 -6.08
CA GLY A 200 14.87 9.32 -6.57
C GLY A 200 14.11 10.61 -6.38
N VAL A 201 12.79 10.51 -6.35
CA VAL A 201 11.94 11.68 -6.45
C VAL A 201 10.96 11.54 -5.30
N PHE A 202 10.50 12.65 -4.67
CA PHE A 202 9.51 12.56 -3.59
C PHE A 202 8.12 12.14 -4.08
N ASP A 203 7.37 11.46 -3.21
CA ASP A 203 5.99 11.17 -3.51
C ASP A 203 5.19 12.41 -3.88
N GLN A 204 4.21 12.20 -4.74
CA GLN A 204 3.25 13.21 -5.06
C GLN A 204 2.04 13.04 -4.18
N LEU A 205 2.23 13.14 -2.88
CA LEU A 205 1.15 12.92 -1.96
C LEU A 205 0.75 14.23 -1.31
N GLY A 206 1.18 15.30 -1.92
CA GLY A 206 0.69 16.67 -1.67
C GLY A 206 1.61 17.48 -0.78
N VAL A 207 2.82 17.00 -0.52
CA VAL A 207 3.64 17.62 0.52
C VAL A 207 5.12 17.57 0.12
N VAL A 208 5.83 18.64 0.48
CA VAL A 208 7.20 18.84 0.13
C VAL A 208 7.93 18.76 1.47
N PRO A 209 8.98 17.94 1.50
CA PRO A 209 9.69 17.76 2.78
C PRO A 209 10.48 19.00 3.15
N ASP A 210 10.56 19.33 4.44
CA ASP A 210 11.31 20.50 4.90
C ASP A 210 12.80 20.49 4.56
N ILE A 211 13.42 19.30 4.58
CA ILE A 211 14.86 19.10 4.45
C ILE A 211 15.01 17.82 3.61
N VAL A 212 15.96 17.82 2.67
CA VAL A 212 16.28 16.66 1.87
C VAL A 212 17.81 16.55 1.98
N VAL A 213 18.31 15.37 2.29
CA VAL A 213 19.75 15.08 2.29
C VAL A 213 19.97 13.66 1.72
N SER A 214 21.19 13.41 1.27
CA SER A 214 21.60 12.13 0.69
C SER A 214 21.93 11.05 1.72
N ASP A 215 22.25 11.46 2.92
CA ASP A 215 22.49 10.51 4.02
C ASP A 215 22.42 11.15 5.36
N VAL A 216 22.36 10.29 6.39
CA VAL A 216 22.14 10.70 7.78
C VAL A 216 23.33 11.55 8.31
N GLY A 217 24.53 11.28 7.82
CA GLY A 217 25.71 12.02 8.19
C GLY A 217 25.54 13.46 7.69
N VAL A 218 25.04 13.66 6.47
CA VAL A 218 24.73 15.05 6.03
C VAL A 218 23.74 15.72 7.00
N LEU A 219 22.68 14.97 7.33
CA LEU A 219 21.69 15.49 8.24
C LEU A 219 22.38 15.96 9.49
N ALA A 220 23.20 15.08 10.09
CA ALA A 220 24.00 15.42 11.26
C ALA A 220 24.85 16.66 11.08
N SER A 221 25.42 16.85 9.90
CA SER A 221 26.34 17.98 9.67
C SER A 221 25.63 19.31 9.89
N ARG A 222 24.30 19.29 9.70
CA ARG A 222 23.38 20.43 9.90
C ARG A 222 23.32 20.97 11.29
N PHE A 223 23.64 20.14 12.29
CA PHE A 223 23.51 20.57 13.70
C PHE A 223 24.88 20.81 14.34
N SER A 224 24.86 21.61 15.42
CA SER A 224 26.06 22.23 16.03
C SER A 224 25.90 22.10 17.53
N PRO A 225 26.98 21.67 18.22
CA PRO A 225 26.89 21.47 19.68
C PRO A 225 26.57 22.73 20.46
N GLY B 1 -34.03 -17.31 3.98
CA GLY B 1 -34.55 -15.94 4.33
C GLY B 1 -33.57 -14.78 4.22
N MET B 2 -32.41 -14.91 4.90
CA MET B 2 -31.35 -13.87 4.93
C MET B 2 -29.91 -14.45 4.88
N HIS B 3 -29.80 -15.61 4.25
CA HIS B 3 -28.62 -16.52 4.30
C HIS B 3 -28.16 -16.88 2.86
N ALA B 4 -28.94 -16.54 1.82
CA ALA B 4 -28.62 -16.93 0.44
C ALA B 4 -28.27 -15.69 -0.41
N ILE B 5 -27.31 -15.87 -1.33
CA ILE B 5 -26.81 -14.80 -2.26
C ILE B 5 -27.97 -14.26 -3.12
N LYS B 6 -28.11 -12.92 -3.15
CA LYS B 6 -29.08 -12.23 -4.02
C LYS B 6 -28.43 -11.27 -5.02
N ALA B 7 -27.28 -10.68 -4.65
CA ALA B 7 -26.58 -9.76 -5.59
C ALA B 7 -25.08 -10.03 -5.75
N VAL B 8 -24.56 -9.62 -6.92
CA VAL B 8 -23.11 -9.71 -7.22
C VAL B 8 -22.50 -8.32 -7.43
N VAL B 9 -21.64 -7.98 -6.46
CA VAL B 9 -20.98 -6.68 -6.44
C VAL B 9 -19.56 -6.85 -7.00
N PHE B 10 -19.29 -6.15 -8.10
CA PHE B 10 -17.97 -6.14 -8.66
C PHE B 10 -17.19 -4.87 -8.27
N ASP B 11 -15.88 -5.02 -8.10
CA ASP B 11 -14.98 -3.88 -8.25
C ASP B 11 -14.60 -3.78 -9.72
N LEU B 12 -13.95 -2.67 -10.10
CA LEU B 12 -13.88 -2.25 -11.50
C LEU B 12 -12.48 -2.47 -12.05
N TYR B 13 -11.50 -1.79 -11.45
CA TYR B 13 -10.16 -1.70 -12.01
C TYR B 13 -9.41 -3.02 -11.73
N GLY B 14 -8.96 -3.66 -12.78
CA GLY B 14 -8.35 -5.01 -12.65
C GLY B 14 -9.28 -6.26 -12.55
N THR B 15 -10.61 -6.07 -12.49
CA THR B 15 -11.56 -7.22 -12.44
C THR B 15 -12.46 -7.16 -13.64
N LEU B 16 -13.15 -6.04 -13.80
CA LEU B 16 -13.93 -5.78 -15.02
C LEU B 16 -13.15 -5.16 -16.21
N TYR B 17 -12.18 -4.28 -15.93
CA TYR B 17 -11.46 -3.52 -16.98
C TYR B 17 -9.96 -3.67 -16.72
N ASP B 18 -9.22 -3.90 -17.81
CA ASP B 18 -7.79 -3.99 -17.76
C ASP B 18 -7.02 -2.67 -17.58
N VAL B 19 -6.44 -2.48 -16.40
CA VAL B 19 -5.64 -1.29 -16.11
C VAL B 19 -4.37 -1.22 -16.92
N TYR B 20 -3.97 -2.33 -17.53
CA TYR B 20 -2.82 -2.27 -18.43
C TYR B 20 -3.24 -2.01 -19.89
N SER B 21 -4.48 -1.65 -20.19
CA SER B 21 -4.75 -1.26 -21.59
C SER B 21 -4.12 0.04 -22.03
N VAL B 22 -3.62 0.82 -21.07
CA VAL B 22 -2.97 2.10 -21.32
C VAL B 22 -1.55 1.84 -21.83
N ARG B 23 -1.18 0.55 -21.88
CA ARG B 23 0.24 0.18 -22.10
C ARG B 23 0.76 0.70 -23.42
N THR B 24 -0.03 0.59 -24.49
CA THR B 24 0.37 1.03 -25.82
C THR B 24 0.56 2.55 -25.92
N SER B 25 -0.33 3.31 -25.29
CA SER B 25 -0.17 4.78 -25.17
C SER B 25 1.16 5.07 -24.38
N CYS B 26 1.36 4.44 -23.26
CA CYS B 26 2.60 4.61 -22.53
C CYS B 26 3.82 4.24 -23.34
N GLU B 27 3.76 3.19 -24.14
CA GLU B 27 4.97 2.75 -24.84
C GLU B 27 5.26 3.72 -26.03
N ARG B 28 4.22 4.26 -26.64
CA ARG B 28 4.42 5.29 -27.65
C ARG B 28 5.07 6.56 -27.13
N ILE B 29 4.61 7.01 -25.97
CA ILE B 29 5.07 8.25 -25.40
C ILE B 29 6.48 8.03 -24.88
N PHE B 30 6.73 6.88 -24.22
CA PHE B 30 8.06 6.53 -23.64
C PHE B 30 8.61 5.31 -24.28
N PRO B 31 9.25 5.45 -25.42
CA PRO B 31 9.60 4.18 -26.10
C PRO B 31 10.53 3.30 -25.23
N GLY B 32 10.29 1.99 -25.21
CA GLY B 32 11.10 1.08 -24.43
C GLY B 32 10.86 1.13 -22.94
N GLN B 33 9.87 1.89 -22.46
CA GLN B 33 9.59 1.94 -21.03
C GLN B 33 8.12 1.97 -20.73
N GLY B 34 7.31 1.56 -21.71
CA GLY B 34 5.89 1.64 -21.60
C GLY B 34 5.28 0.61 -20.68
N GLU B 35 5.73 -0.65 -20.74
CA GLU B 35 5.31 -1.63 -19.74
C GLU B 35 5.66 -1.18 -18.30
N MET B 36 6.92 -0.83 -18.08
CA MET B 36 7.35 -0.30 -16.78
C MET B 36 6.50 0.87 -16.27
N VAL B 37 6.25 1.83 -17.17
CA VAL B 37 5.45 3.00 -16.82
C VAL B 37 4.05 2.53 -16.45
N SER B 38 3.48 1.67 -17.29
CA SER B 38 2.12 1.17 -16.97
C SER B 38 2.05 0.36 -15.68
N LYS B 39 3.04 -0.46 -15.40
CA LYS B 39 3.05 -1.18 -14.11
C LYS B 39 3.16 -0.22 -12.90
N MET B 40 4.16 0.66 -12.94
CA MET B 40 4.44 1.49 -11.79
C MET B 40 3.31 2.51 -11.57
N TRP B 41 2.79 3.04 -12.66
CA TRP B 41 1.71 4.03 -12.57
C TRP B 41 0.57 3.43 -11.82
N ARG B 42 0.17 2.25 -12.24
CA ARG B 42 -0.91 1.54 -11.54
C ARG B 42 -0.59 1.23 -10.08
N GLN B 43 0.60 0.69 -9.83
CA GLN B 43 0.99 0.34 -8.45
C GLN B 43 1.05 1.62 -7.62
N LYS B 44 1.57 2.71 -8.15
CA LYS B 44 1.65 3.90 -7.26
C LYS B 44 0.25 4.51 -7.10
N GLN B 45 -0.64 4.24 -8.07
CA GLN B 45 -2.01 4.74 -7.95
C GLN B 45 -2.64 4.10 -6.75
N LEU B 46 -2.51 2.78 -6.66
CA LEU B 46 -3.05 2.03 -5.48
C LEU B 46 -2.47 2.49 -4.16
N GLU B 47 -1.16 2.60 -4.13
CA GLU B 47 -0.52 3.04 -2.89
C GLU B 47 -1.00 4.45 -2.49
N TYR B 48 -1.20 5.36 -3.44
CA TYR B 48 -1.72 6.69 -3.04
C TYR B 48 -3.13 6.65 -2.48
N THR B 49 -3.99 5.80 -3.03
CA THR B 49 -5.28 5.58 -2.41
C THR B 49 -5.12 5.07 -0.99
N TRP B 50 -4.19 4.16 -0.72
CA TRP B 50 -4.15 3.63 0.59
C TRP B 50 -3.55 4.69 1.47
N MET B 51 -2.56 5.40 0.93
CA MET B 51 -1.86 6.43 1.74
C MET B 51 -2.82 7.59 2.16
N ARG B 52 -3.59 8.12 1.21
CA ARG B 52 -4.46 9.21 1.53
C ARG B 52 -5.44 8.79 2.60
N THR B 53 -5.92 7.56 2.51
CA THR B 53 -6.95 7.15 3.44
C THR B 53 -6.37 7.06 4.83
N LEU B 54 -5.23 6.41 4.94
CA LEU B 54 -4.56 6.24 6.19
C LEU B 54 -4.08 7.57 6.74
N MET B 55 -3.77 8.55 5.90
CA MET B 55 -3.32 9.82 6.46
C MET B 55 -4.48 10.87 6.62
N GLY B 56 -5.68 10.54 6.17
CA GLY B 56 -6.87 11.42 6.30
C GLY B 56 -6.79 12.61 5.35
N GLN B 57 -6.39 12.35 4.10
CA GLN B 57 -6.12 13.35 3.07
C GLN B 57 -6.73 12.93 1.72
N TYR B 58 -7.99 12.51 1.77
CA TYR B 58 -8.72 12.03 0.61
C TYR B 58 -8.68 12.96 -0.57
N GLN B 59 -8.44 12.39 -1.73
CA GLN B 59 -8.50 13.09 -2.99
C GLN B 59 -9.00 12.04 -4.03
N ASP B 60 -9.76 12.44 -5.03
CA ASP B 60 -10.46 11.42 -5.83
C ASP B 60 -9.51 10.59 -6.73
N PHE B 61 -10.07 9.57 -7.38
CA PHE B 61 -9.30 8.61 -8.12
C PHE B 61 -8.59 9.26 -9.26
N GLU B 62 -9.22 10.27 -9.90
CA GLU B 62 -8.54 10.93 -11.02
C GLU B 62 -7.35 11.72 -10.52
N SER B 63 -7.49 12.35 -9.36
CA SER B 63 -6.37 13.12 -8.77
C SER B 63 -5.22 12.21 -8.41
N ALA B 64 -5.56 11.10 -7.78
CA ALA B 64 -4.60 10.02 -7.49
C ALA B 64 -3.90 9.55 -8.77
N THR B 65 -4.65 9.47 -9.88
CA THR B 65 -4.11 8.91 -11.13
C THR B 65 -3.08 9.83 -11.70
N LEU B 66 -3.36 11.16 -11.65
CA LEU B 66 -2.39 12.17 -12.09
C LEU B 66 -1.14 12.19 -11.18
N ASP B 67 -1.34 12.30 -9.87
CA ASP B 67 -0.25 12.16 -8.86
C ASP B 67 0.67 10.99 -9.13
N ALA B 68 0.10 9.82 -9.33
CA ALA B 68 0.87 8.59 -9.57
C ALA B 68 1.61 8.69 -10.89
N LEU B 69 0.98 9.35 -11.85
CA LEU B 69 1.61 9.40 -13.18
C LEU B 69 2.81 10.31 -13.13
N ARG B 70 2.66 11.46 -12.46
CA ARG B 70 3.78 12.41 -12.28
C ARG B 70 4.90 11.82 -11.44
N TYR B 71 4.57 11.17 -10.31
CA TYR B 71 5.59 10.42 -9.57
C TYR B 71 6.32 9.44 -10.47
N THR B 72 5.55 8.66 -11.20
CA THR B 72 6.14 7.55 -11.97
C THR B 72 7.15 8.09 -12.97
N CYS B 73 6.74 9.11 -13.71
CA CYS B 73 7.67 9.71 -14.65
C CYS B 73 8.92 10.36 -13.99
N GLY B 74 8.73 11.08 -12.90
CA GLY B 74 9.84 11.75 -12.22
C GLY B 74 10.80 10.66 -11.83
N SER B 75 10.25 9.57 -11.35
CA SER B 75 11.07 8.51 -10.78
C SER B 75 11.90 7.76 -11.82
N LEU B 76 11.41 7.73 -13.07
CA LEU B 76 12.10 7.03 -14.19
C LEU B 76 12.91 7.99 -15.07
N GLY B 77 12.98 9.26 -14.69
CA GLY B 77 13.66 10.26 -15.47
C GLY B 77 13.04 10.59 -16.81
N LEU B 78 11.77 10.28 -16.94
CA LEU B 78 11.00 10.51 -18.15
C LEU B 78 10.36 11.84 -17.98
N ALA B 79 10.62 12.76 -18.87
CA ALA B 79 9.98 14.10 -18.80
C ALA B 79 8.64 13.97 -19.47
N LEU B 80 7.63 14.70 -18.98
CA LEU B 80 6.31 14.72 -19.60
C LEU B 80 5.70 16.11 -19.43
N ASP B 81 5.19 16.72 -20.52
CA ASP B 81 4.52 18.01 -20.38
C ASP B 81 3.01 17.93 -20.02
N ALA B 82 2.40 19.12 -19.90
CA ALA B 82 1.03 19.26 -19.45
C ALA B 82 0.06 18.47 -20.34
N ASP B 83 0.32 18.49 -21.63
CA ASP B 83 -0.58 17.86 -22.62
C ASP B 83 -0.47 16.35 -22.64
N GLY B 84 0.76 15.85 -22.53
CA GLY B 84 1.01 14.44 -22.30
C GLY B 84 0.39 13.89 -21.02
N GLU B 85 0.32 14.69 -19.96
CA GLU B 85 -0.33 14.23 -18.76
C GLU B 85 -1.78 14.06 -19.03
N ALA B 86 -2.37 15.09 -19.62
CA ALA B 86 -3.78 15.12 -19.90
C ALA B 86 -4.15 14.00 -20.88
N HIS B 87 -3.30 13.78 -21.85
CA HIS B 87 -3.52 12.67 -22.76
C HIS B 87 -3.55 11.34 -22.02
N LEU B 88 -2.46 11.03 -21.29
CA LEU B 88 -2.37 9.68 -20.66
C LEU B 88 -3.42 9.48 -19.60
N CYS B 89 -3.70 10.55 -18.84
CA CYS B 89 -4.75 10.49 -17.86
C CYS B 89 -6.15 10.20 -18.44
N SER B 90 -6.42 10.75 -19.63
CA SER B 90 -7.66 10.49 -20.35
C SER B 90 -7.77 9.02 -20.77
N GLU B 91 -6.64 8.39 -21.07
CA GLU B 91 -6.59 6.97 -21.41
C GLU B 91 -7.07 6.08 -20.30
N TYR B 92 -6.80 6.48 -19.07
CA TYR B 92 -7.33 5.77 -17.94
C TYR B 92 -8.86 5.83 -17.79
N LEU B 93 -9.51 6.78 -18.43
CA LEU B 93 -10.96 6.86 -18.42
C LEU B 93 -11.62 5.95 -19.50
N SER B 94 -10.78 5.30 -20.28
CA SER B 94 -11.21 4.48 -21.39
C SER B 94 -10.71 3.05 -21.30
N LEU B 95 -10.67 2.43 -20.13
CA LEU B 95 -10.02 1.09 -20.05
C LEU B 95 -10.82 0.06 -20.88
N THR B 96 -10.13 -0.98 -21.33
CA THR B 96 -10.69 -2.08 -22.11
C THR B 96 -11.22 -3.19 -21.22
N PRO B 97 -12.53 -3.58 -21.38
CA PRO B 97 -13.10 -4.68 -20.58
C PRO B 97 -12.40 -5.98 -20.88
N PHE B 98 -12.32 -6.85 -19.89
CA PHE B 98 -11.74 -8.15 -20.18
C PHE B 98 -12.66 -8.88 -21.16
N ALA B 99 -12.07 -9.79 -21.93
CA ALA B 99 -12.81 -10.49 -23.03
C ALA B 99 -14.13 -11.07 -22.53
N ASP B 100 -13.99 -11.96 -21.56
CA ASP B 100 -15.11 -12.61 -20.92
C ASP B 100 -16.27 -11.73 -20.39
N VAL B 101 -16.10 -10.42 -20.28
CA VAL B 101 -16.91 -9.65 -19.28
C VAL B 101 -18.31 -9.28 -19.70
N PRO B 102 -18.46 -8.77 -20.92
CA PRO B 102 -19.83 -8.31 -21.18
C PRO B 102 -20.85 -9.49 -21.20
N GLN B 103 -20.45 -10.64 -21.77
CA GLN B 103 -21.39 -11.76 -21.85
C GLN B 103 -21.62 -12.36 -20.47
N ALA B 104 -20.58 -12.39 -19.63
CA ALA B 104 -20.73 -12.84 -18.24
C ALA B 104 -21.71 -11.98 -17.46
N LEU B 105 -21.77 -10.71 -17.82
CA LEU B 105 -22.71 -9.79 -17.19
C LEU B 105 -24.12 -10.07 -17.70
N GLN B 106 -24.29 -10.23 -19.01
CA GLN B 106 -25.60 -10.67 -19.55
C GLN B 106 -26.16 -11.98 -18.88
N GLN B 107 -25.27 -12.87 -18.46
CA GLN B 107 -25.66 -14.18 -17.97
C GLN B 107 -26.00 -14.19 -16.49
N LEU B 108 -25.51 -13.19 -15.75
CA LEU B 108 -25.69 -13.19 -14.29
C LEU B 108 -27.03 -12.54 -13.93
N ARG B 109 -27.44 -11.61 -14.77
CA ARG B 109 -28.75 -10.95 -14.63
C ARG B 109 -29.90 -11.88 -15.06
N ALA B 110 -29.68 -12.55 -16.19
CA ALA B 110 -30.50 -13.63 -16.65
C ALA B 110 -30.81 -14.66 -15.54
N ALA B 111 -30.12 -14.61 -14.39
CA ALA B 111 -30.52 -15.38 -13.19
C ALA B 111 -31.28 -14.59 -12.10
N GLY B 112 -31.69 -13.36 -12.37
CA GLY B 112 -32.33 -12.51 -11.33
C GLY B 112 -31.45 -12.01 -10.19
N LEU B 113 -30.13 -12.14 -10.36
CA LEU B 113 -29.16 -11.51 -9.47
C LEU B 113 -29.11 -9.97 -9.69
N LYS B 114 -29.20 -9.19 -8.62
CA LYS B 114 -28.81 -7.78 -8.70
C LYS B 114 -27.27 -7.68 -8.97
N THR B 115 -26.86 -6.63 -9.71
CA THR B 115 -25.44 -6.38 -10.03
C THR B 115 -24.96 -4.92 -9.87
N ALA B 116 -23.88 -4.73 -9.13
CA ALA B 116 -23.35 -3.43 -8.84
C ALA B 116 -21.84 -3.40 -9.17
N ILE B 117 -21.34 -2.20 -9.50
CA ILE B 117 -19.89 -1.85 -9.29
C ILE B 117 -19.76 -1.01 -8.03
N LEU B 118 -18.86 -1.45 -7.13
CA LEU B 118 -18.33 -0.71 -6.00
C LEU B 118 -16.81 -0.46 -6.27
N SER B 119 -16.47 0.79 -6.59
CA SER B 119 -15.15 1.12 -7.07
C SER B 119 -14.54 2.33 -6.39
N ASN B 120 -13.22 2.24 -6.20
CA ASN B 120 -12.33 3.37 -5.81
C ASN B 120 -12.49 4.53 -6.78
N GLY B 121 -12.93 4.24 -8.01
CA GLY B 121 -13.15 5.33 -8.99
C GLY B 121 -14.06 6.44 -8.50
N SER B 122 -13.86 7.63 -9.09
CA SER B 122 -14.73 8.78 -8.90
C SER B 122 -16.04 8.60 -9.66
N ARG B 123 -17.00 9.52 -9.47
CA ARG B 123 -18.29 9.29 -10.02
C ARG B 123 -18.12 9.44 -11.48
N HIS B 124 -17.21 10.31 -11.88
CA HIS B 124 -16.95 10.53 -13.28
C HIS B 124 -16.11 9.40 -13.88
N SER B 125 -15.16 8.86 -13.14
CA SER B 125 -14.25 7.96 -13.80
C SER B 125 -15.03 6.64 -14.04
N ILE B 126 -15.80 6.22 -13.04
CA ILE B 126 -16.65 5.06 -13.20
C ILE B 126 -17.59 5.17 -14.42
N ARG B 127 -18.26 6.30 -14.54
CA ARG B 127 -19.26 6.48 -15.58
C ARG B 127 -18.54 6.48 -16.87
N GLN B 128 -17.33 7.00 -16.87
CA GLN B 128 -16.65 7.13 -18.12
C GLN B 128 -16.10 5.76 -18.54
N VAL B 129 -15.59 5.01 -17.60
CA VAL B 129 -15.07 3.68 -18.01
C VAL B 129 -16.25 2.78 -18.46
N VAL B 130 -17.24 2.64 -17.60
CA VAL B 130 -18.38 1.77 -17.85
C VAL B 130 -19.02 2.31 -19.14
N GLY B 131 -19.35 3.60 -19.14
CA GLY B 131 -19.98 4.32 -20.28
C GLY B 131 -19.35 4.22 -21.67
N ASN B 132 -18.05 4.51 -21.78
CA ASN B 132 -17.35 4.38 -23.06
C ASN B 132 -17.29 2.93 -23.62
N SER B 133 -17.33 1.90 -22.77
CA SER B 133 -17.35 0.46 -23.18
C SER B 133 -18.78 -0.10 -23.44
N GLY B 134 -19.79 0.76 -23.21
CA GLY B 134 -21.17 0.50 -23.53
C GLY B 134 -21.75 -0.58 -22.66
N LEU B 135 -21.36 -0.60 -21.40
CA LEU B 135 -21.83 -1.66 -20.48
C LEU B 135 -22.72 -1.02 -19.42
N THR B 136 -23.18 0.21 -19.65
CA THR B 136 -23.92 0.96 -18.60
C THR B 136 -25.19 0.22 -18.12
N ASN B 137 -25.78 -0.57 -19.01
CA ASN B 137 -27.10 -1.25 -18.77
C ASN B 137 -26.94 -2.48 -17.90
N SER B 138 -25.74 -3.05 -17.90
CA SER B 138 -25.47 -4.32 -17.21
C SER B 138 -25.31 -4.17 -15.70
N PHE B 139 -25.33 -2.95 -15.20
CA PHE B 139 -25.21 -2.76 -13.75
C PHE B 139 -26.39 -1.97 -13.29
N ASP B 140 -26.90 -2.39 -12.15
CA ASP B 140 -28.06 -1.77 -11.57
C ASP B 140 -27.56 -0.58 -10.76
N HIS B 141 -26.40 -0.73 -10.10
CA HIS B 141 -25.80 0.37 -9.31
C HIS B 141 -24.30 0.58 -9.60
N LEU B 142 -23.93 1.80 -9.97
CA LEU B 142 -22.52 2.25 -9.98
C LEU B 142 -22.23 3.04 -8.68
N ILE B 143 -21.51 2.44 -7.73
CA ILE B 143 -21.24 3.10 -6.41
C ILE B 143 -19.73 3.55 -6.27
N SER B 144 -19.50 4.84 -6.07
CA SER B 144 -18.13 5.37 -5.92
C SER B 144 -17.76 5.56 -4.49
N VAL B 145 -16.48 5.43 -4.18
CA VAL B 145 -15.98 5.79 -2.84
C VAL B 145 -16.19 7.29 -2.51
N ASP B 146 -16.55 8.09 -3.49
CA ASP B 146 -16.79 9.51 -3.24
C ASP B 146 -17.83 9.74 -2.10
N GLU B 147 -18.78 8.83 -1.87
CA GLU B 147 -19.78 9.09 -0.80
C GLU B 147 -19.28 8.91 0.58
N VAL B 148 -18.09 8.35 0.74
CA VAL B 148 -17.46 8.34 2.04
C VAL B 148 -16.13 9.05 2.13
N ARG B 149 -15.47 9.35 1.02
N ARG B 149 -15.50 9.30 0.98
CA ARG B 149 -14.17 10.05 1.09
CA ARG B 149 -14.21 10.00 0.93
C ARG B 149 -13.15 9.15 1.78
C ARG B 149 -13.17 9.19 1.72
N LEU B 150 -13.16 7.90 1.37
CA LEU B 150 -12.34 6.86 1.98
C LEU B 150 -12.16 5.79 0.90
N PHE B 151 -10.92 5.34 0.71
CA PHE B 151 -10.66 4.31 -0.30
C PHE B 151 -10.69 2.91 0.31
N LYS B 152 -10.79 1.94 -0.54
CA LYS B 152 -10.63 0.55 -0.17
C LYS B 152 -9.22 0.25 0.43
N PRO B 153 -9.12 -0.66 1.38
CA PRO B 153 -10.23 -1.49 1.82
C PRO B 153 -10.80 -1.04 3.15
N HIS B 154 -10.98 0.25 3.31
CA HIS B 154 -11.64 0.72 4.49
C HIS B 154 -13.04 0.10 4.62
N GLN B 155 -13.40 -0.34 5.81
CA GLN B 155 -14.72 -1.06 6.02
C GLN B 155 -15.99 -0.26 5.67
N LYS B 156 -15.94 1.08 5.87
CA LYS B 156 -16.98 2.01 5.44
C LYS B 156 -17.24 2.02 3.97
N VAL B 157 -16.25 1.70 3.13
N VAL B 157 -16.25 1.71 3.15
CA VAL B 157 -16.52 1.56 1.70
CA VAL B 157 -16.47 1.56 1.73
C VAL B 157 -17.39 0.33 1.41
C VAL B 157 -17.36 0.34 1.41
N TYR B 158 -17.07 -0.78 2.07
CA TYR B 158 -17.73 -2.06 1.78
C TYR B 158 -19.18 -2.04 2.27
N GLU B 159 -19.41 -1.27 3.35
CA GLU B 159 -20.77 -0.99 3.84
C GLU B 159 -21.70 -0.49 2.76
N LEU B 160 -21.22 0.32 1.81
CA LEU B 160 -22.09 0.98 0.83
C LEU B 160 -22.82 0.02 -0.13
N ALA B 161 -22.30 -1.19 -0.30
CA ALA B 161 -22.93 -2.13 -1.21
C ALA B 161 -24.26 -2.57 -0.56
N MET B 162 -24.24 -2.94 0.73
CA MET B 162 -25.41 -3.51 1.43
C MET B 162 -26.49 -2.44 1.65
N ASP B 163 -26.08 -1.22 2.02
CA ASP B 163 -26.95 0.00 2.11
C ASP B 163 -27.63 0.39 0.80
N THR B 164 -26.91 0.24 -0.31
CA THR B 164 -27.43 0.66 -1.62
C THR B 164 -28.26 -0.44 -2.28
N LEU B 165 -27.97 -1.69 -1.91
CA LEU B 165 -28.77 -2.82 -2.30
C LEU B 165 -29.93 -3.10 -1.32
N HIS B 166 -29.87 -2.54 -0.12
CA HIS B 166 -30.84 -2.82 0.94
C HIS B 166 -30.89 -4.32 1.03
N LEU B 167 -29.78 -4.87 1.52
CA LEU B 167 -29.62 -6.30 1.61
C LEU B 167 -28.76 -6.67 2.80
N GLY B 168 -28.77 -7.96 3.10
CA GLY B 168 -27.98 -8.48 4.18
C GLY B 168 -26.54 -8.85 3.78
N GLU B 169 -25.64 -8.74 4.76
CA GLU B 169 -24.20 -9.12 4.60
C GLU B 169 -24.05 -10.46 3.90
N SER B 170 -24.75 -11.50 4.37
CA SER B 170 -24.75 -12.85 3.74
C SER B 170 -25.48 -12.92 2.33
N GLU B 171 -26.14 -11.87 1.86
CA GLU B 171 -26.83 -11.92 0.53
C GLU B 171 -26.03 -11.29 -0.64
N ILE B 172 -24.82 -10.76 -0.33
CA ILE B 172 -23.94 -10.18 -1.35
C ILE B 172 -22.66 -11.01 -1.59
N LEU B 173 -22.45 -11.36 -2.85
CA LEU B 173 -21.21 -12.04 -3.27
C LEU B 173 -20.33 -10.96 -3.89
N PHE B 174 -19.36 -10.49 -3.11
CA PHE B 174 -18.40 -9.53 -3.63
C PHE B 174 -17.40 -10.29 -4.50
N VAL B 175 -17.13 -9.77 -5.69
CA VAL B 175 -16.27 -10.40 -6.67
C VAL B 175 -15.16 -9.44 -7.09
N SER B 176 -13.90 -9.88 -6.92
CA SER B 176 -12.70 -9.14 -7.35
C SER B 176 -11.53 -10.08 -7.74
N CYS B 177 -10.67 -9.63 -8.67
CA CYS B 177 -9.40 -10.33 -8.98
C CYS B 177 -8.33 -9.92 -7.99
N ASN B 178 -8.58 -8.85 -7.22
CA ASN B 178 -7.63 -8.33 -6.27
C ASN B 178 -7.86 -8.90 -4.90
N SER B 179 -6.98 -9.77 -4.45
CA SER B 179 -7.24 -10.51 -3.25
C SER B 179 -7.27 -9.63 -2.04
N TRP B 180 -6.52 -8.53 -2.07
CA TRP B 180 -6.55 -7.57 -0.95
C TRP B 180 -7.95 -6.91 -0.80
N ASP B 181 -8.63 -6.76 -1.92
CA ASP B 181 -9.99 -6.19 -1.99
C ASP B 181 -11.02 -7.27 -1.61
N ALA B 182 -10.80 -8.49 -2.11
CA ALA B 182 -11.65 -9.60 -1.71
C ALA B 182 -11.47 -9.80 -0.22
N THR B 183 -10.24 -9.65 0.28
CA THR B 183 -9.95 -9.81 1.68
C THR B 183 -10.65 -8.76 2.55
N GLY B 184 -10.61 -7.50 2.08
CA GLY B 184 -11.25 -6.42 2.80
C GLY B 184 -12.74 -6.62 2.94
N ALA B 185 -13.41 -7.03 1.87
CA ALA B 185 -14.87 -7.33 1.91
C ALA B 185 -15.16 -8.48 2.91
N LYS B 186 -14.35 -9.54 2.87
CA LYS B 186 -14.60 -10.70 3.72
C LYS B 186 -14.58 -10.29 5.18
N TYR B 187 -13.57 -9.52 5.59
CA TYR B 187 -13.56 -9.02 6.96
C TYR B 187 -14.78 -8.16 7.16
N PHE B 188 -15.28 -7.56 6.07
CA PHE B 188 -16.45 -6.74 6.25
C PHE B 188 -17.57 -7.64 6.76
N GLY B 189 -17.69 -8.80 6.13
CA GLY B 189 -18.80 -9.71 6.31
C GLY B 189 -19.40 -10.31 5.05
N TYR B 190 -19.02 -9.88 3.85
CA TYR B 190 -19.62 -10.48 2.62
C TYR B 190 -18.89 -11.74 2.19
N PRO B 191 -19.62 -12.75 1.68
CA PRO B 191 -18.96 -13.83 0.95
C PRO B 191 -18.25 -13.29 -0.28
N VAL B 192 -17.06 -13.81 -0.56
CA VAL B 192 -16.26 -13.29 -1.65
C VAL B 192 -15.99 -14.34 -2.69
N CYS B 193 -16.01 -13.91 -3.95
CA CYS B 193 -15.41 -14.61 -5.06
C CYS B 193 -14.08 -13.96 -5.48
N TRP B 194 -13.01 -14.74 -5.42
CA TRP B 194 -11.72 -14.29 -5.94
C TRP B 194 -11.57 -14.81 -7.33
N ILE B 195 -11.50 -13.93 -8.31
CA ILE B 195 -11.18 -14.33 -9.66
C ILE B 195 -9.65 -14.31 -9.79
N ASN B 196 -9.07 -15.49 -10.03
CA ASN B 196 -7.65 -15.70 -10.19
C ASN B 196 -7.25 -15.89 -11.65
N ARG B 197 -7.14 -14.77 -12.37
CA ARG B 197 -6.90 -14.76 -13.82
C ARG B 197 -5.47 -15.12 -14.18
N SER B 198 -4.54 -14.56 -13.40
CA SER B 198 -3.09 -14.63 -13.65
C SER B 198 -2.47 -15.88 -13.10
N ASN B 199 -3.20 -16.59 -12.23
CA ASN B 199 -2.83 -17.94 -11.80
C ASN B 199 -1.95 -17.96 -10.56
N GLY B 200 -2.20 -17.00 -9.66
CA GLY B 200 -1.40 -16.83 -8.45
C GLY B 200 -2.04 -17.32 -7.16
N VAL B 201 -1.76 -16.59 -6.10
CA VAL B 201 -1.92 -17.09 -4.74
C VAL B 201 -2.64 -15.95 -4.02
N PHE B 202 -3.43 -16.27 -3.00
CA PHE B 202 -4.26 -15.28 -2.34
C PHE B 202 -3.44 -14.71 -1.16
N ASP B 203 -3.73 -13.48 -0.78
CA ASP B 203 -3.01 -12.84 0.28
C ASP B 203 -3.08 -13.65 1.57
N GLN B 204 -2.00 -13.59 2.32
CA GLN B 204 -1.93 -14.09 3.64
C GLN B 204 -2.37 -12.98 4.60
N LEU B 205 -3.62 -12.56 4.49
CA LEU B 205 -4.11 -11.49 5.34
C LEU B 205 -5.24 -12.03 6.19
N GLY B 206 -5.27 -13.36 6.32
CA GLY B 206 -6.02 -14.08 7.34
C GLY B 206 -7.39 -14.54 6.95
N VAL B 207 -7.73 -14.46 5.68
CA VAL B 207 -9.00 -15.00 5.24
C VAL B 207 -8.79 -15.82 4.01
N VAL B 208 -9.74 -16.69 3.80
CA VAL B 208 -9.71 -17.56 2.65
C VAL B 208 -11.01 -17.17 1.96
N PRO B 209 -10.97 -17.00 0.63
CA PRO B 209 -12.18 -16.66 -0.10
C PRO B 209 -13.12 -17.89 -0.22
N ASP B 210 -14.40 -17.64 -0.54
CA ASP B 210 -15.48 -18.61 -0.48
C ASP B 210 -15.58 -19.35 -1.79
N ILE B 211 -15.55 -18.62 -2.91
CA ILE B 211 -15.41 -19.23 -4.23
C ILE B 211 -14.14 -18.72 -4.84
N VAL B 212 -13.43 -19.59 -5.58
CA VAL B 212 -12.40 -19.18 -6.55
C VAL B 212 -12.74 -19.71 -7.93
N VAL B 213 -12.75 -18.83 -8.92
CA VAL B 213 -12.80 -19.21 -10.31
C VAL B 213 -11.68 -18.54 -11.10
N SER B 214 -11.45 -18.97 -12.35
CA SER B 214 -10.34 -18.40 -13.17
C SER B 214 -10.76 -17.21 -14.03
N ASP B 215 -12.05 -16.89 -14.06
CA ASP B 215 -12.66 -15.96 -15.04
C ASP B 215 -13.94 -15.48 -14.47
N VAL B 216 -14.48 -14.38 -14.99
CA VAL B 216 -15.87 -13.98 -14.67
C VAL B 216 -16.84 -14.76 -15.56
N GLY B 217 -16.34 -15.17 -16.73
CA GLY B 217 -17.06 -16.13 -17.60
C GLY B 217 -17.37 -17.45 -16.90
N VAL B 218 -16.34 -18.00 -16.22
CA VAL B 218 -16.50 -19.21 -15.44
C VAL B 218 -17.47 -18.99 -14.29
N LEU B 219 -17.37 -17.84 -13.62
CA LEU B 219 -18.27 -17.53 -12.54
C LEU B 219 -19.74 -17.46 -13.04
N ALA B 220 -19.94 -16.91 -14.24
CA ALA B 220 -21.24 -16.64 -14.80
C ALA B 220 -21.92 -17.96 -15.11
N SER B 221 -21.11 -18.90 -15.60
CA SER B 221 -21.52 -20.30 -15.85
C SER B 221 -21.95 -21.07 -14.55
N ARG B 222 -21.90 -20.44 -13.37
CA ARG B 222 -22.32 -21.13 -12.13
C ARG B 222 -23.73 -20.72 -11.74
N PHE B 223 -24.38 -19.95 -12.61
CA PHE B 223 -25.67 -19.34 -12.27
C PHE B 223 -26.69 -19.67 -13.38
N SER B 224 -27.80 -20.29 -13.00
CA SER B 224 -28.80 -20.77 -13.98
C SER B 224 -29.77 -19.65 -14.34
N PRO B 225 -30.13 -19.52 -15.61
CA PRO B 225 -31.18 -18.65 -16.04
C PRO B 225 -32.41 -18.71 -15.15
NI NI C . 10.73 27.89 19.79
S SO4 D . 9.58 1.43 10.07
O1 SO4 D . 9.13 0.08 9.83
O2 SO4 D . 10.69 1.43 11.00
O3 SO4 D . 9.96 1.97 8.77
O4 SO4 D . 8.50 2.27 10.55
NI NI E . -31.58 -16.87 3.92
S SO4 F . -11.54 -0.67 -7.70
O1 SO4 F . -10.21 -0.13 -7.95
O2 SO4 F . -11.34 -2.11 -7.59
O3 SO4 F . -12.10 -0.26 -6.42
O4 SO4 F . -12.41 -0.28 -8.79
#